data_2X9B
#
_entry.id   2X9B
#
_cell.length_a   106.836
_cell.length_b   106.836
_cell.length_c   75.320
_cell.angle_alpha   90.00
_cell.angle_beta   90.00
_cell.angle_gamma   120.00
#
_symmetry.space_group_name_H-M   'P 62 2 2'
#
loop_
_entity.id
_entity.type
_entity.pdbx_description
1 polymer 'ATTACHMENT PROTEIN G3P'
2 water water
#
_entity_poly.entity_id   1
_entity_poly.type   'polypeptide(L)'
_entity_poly.pdbx_seq_one_letter_code
;ATTDAECLSKPAFDGTLSNVWKEGDSRYANFENCIYELSGIGIGYDNDTSWNGHWTPVRAADGSG
;
_entity_poly.pdbx_strand_id   A,B
#
# COMPACT_ATOMS: atom_id res chain seq x y z
N ALA A 1 -8.93 1.17 -5.16
CA ALA A 1 -8.85 2.18 -4.10
C ALA A 1 -7.87 1.77 -3.00
N THR A 2 -7.20 2.76 -2.38
CA THR A 2 -6.26 2.55 -1.28
C THR A 2 -6.65 3.34 -0.04
N THR A 3 -6.35 2.78 1.14
CA THR A 3 -6.62 3.42 2.44
C THR A 3 -5.30 3.99 2.98
N ASP A 4 -5.38 4.92 3.95
CA ASP A 4 -4.20 5.55 4.57
C ASP A 4 -3.30 4.55 5.30
N ALA A 5 -3.91 3.57 5.98
CA ALA A 5 -3.19 2.51 6.72
C ALA A 5 -2.48 1.53 5.79
N GLU A 6 -3.04 1.29 4.59
CA GLU A 6 -2.48 0.42 3.56
C GLU A 6 -1.19 1.05 3.02
N CYS A 7 -1.24 2.36 2.75
CA CYS A 7 -0.11 3.14 2.24
C CYS A 7 1.02 3.27 3.25
N LEU A 8 0.69 3.58 4.52
CA LEU A 8 1.67 3.73 5.61
C LEU A 8 2.45 2.45 5.94
N SER A 9 1.91 1.28 5.56
CA SER A 9 2.53 -0.02 5.78
C SER A 9 3.59 -0.37 4.73
N LYS A 10 3.50 0.26 3.54
CA LYS A 10 4.42 0.06 2.42
C LYS A 10 5.84 0.56 2.75
N PRO A 11 6.92 -0.07 2.20
CA PRO A 11 8.27 0.39 2.56
C PRO A 11 8.71 1.68 1.89
N ALA A 12 9.68 2.38 2.51
CA ALA A 12 10.26 3.61 1.95
C ALA A 12 11.40 3.17 1.03
N PHE A 13 11.48 3.79 -0.16
CA PHE A 13 12.49 3.46 -1.15
C PHE A 13 13.39 4.64 -1.53
N ASP A 14 14.51 4.35 -2.21
CA ASP A 14 15.46 5.33 -2.70
C ASP A 14 15.42 5.27 -4.23
N GLY A 15 14.78 6.27 -4.83
CA GLY A 15 14.63 6.34 -6.28
C GLY A 15 13.98 7.61 -6.79
N THR A 16 13.53 7.57 -8.06
CA THR A 16 12.90 8.72 -8.73
C THR A 16 11.41 8.52 -8.95
N LEU A 17 10.64 9.60 -8.75
CA LEU A 17 9.20 9.67 -8.98
C LEU A 17 8.89 10.93 -9.78
N SER A 18 7.97 10.82 -10.76
CA SER A 18 7.57 11.95 -11.60
C SER A 18 6.24 12.56 -11.14
N ASN A 19 5.85 13.70 -11.74
CA ASN A 19 4.62 14.46 -11.42
C ASN A 19 4.61 14.90 -9.95
N VAL A 20 5.75 15.44 -9.49
CA VAL A 20 5.99 15.91 -8.13
C VAL A 20 5.38 17.30 -7.93
N TRP A 21 4.63 17.47 -6.84
CA TRP A 21 4.01 18.76 -6.49
C TRP A 21 4.54 19.30 -5.17
N LYS A 22 4.60 20.63 -5.04
CA LYS A 22 5.06 21.33 -3.84
C LYS A 22 3.90 21.57 -2.87
N GLU A 23 4.21 21.65 -1.56
CA GLU A 23 3.26 21.91 -0.48
C GLU A 23 4.00 22.58 0.68
N GLY A 24 4.34 23.85 0.47
CA GLY A 24 5.07 24.67 1.44
C GLY A 24 6.48 24.15 1.67
N ASP A 25 7.35 24.27 0.64
CA ASP A 25 8.74 23.84 0.61
C ASP A 25 8.97 22.32 0.85
N SER A 26 7.89 21.52 0.69
CA SER A 26 7.92 20.07 0.85
C SER A 26 7.36 19.42 -0.42
N ARG A 27 8.10 18.44 -0.95
CA ARG A 27 7.73 17.75 -2.19
C ARG A 27 7.02 16.42 -2.00
N TYR A 28 5.95 16.20 -2.78
CA TYR A 28 5.09 15.01 -2.74
C TYR A 28 4.83 14.47 -4.14
N ALA A 29 4.70 13.13 -4.25
CA ALA A 29 4.43 12.44 -5.51
C ALA A 29 3.50 11.25 -5.32
N ASN A 30 2.73 10.92 -6.37
CA ASN A 30 1.77 9.83 -6.37
C ASN A 30 2.37 8.59 -7.03
N PHE A 31 2.33 7.44 -6.34
CA PHE A 31 2.83 6.16 -6.84
C PHE A 31 1.98 5.02 -6.30
N GLU A 32 1.33 4.27 -7.22
CA GLU A 32 0.45 3.12 -6.94
C GLU A 32 -0.65 3.48 -5.91
N ASN A 33 -1.32 4.63 -6.15
CA ASN A 33 -2.38 5.22 -5.31
C ASN A 33 -1.96 5.60 -3.88
N CYS A 34 -0.64 5.79 -3.66
CA CYS A 34 -0.07 6.20 -2.37
C CYS A 34 0.75 7.46 -2.55
N ILE A 35 0.58 8.43 -1.65
CA ILE A 35 1.32 9.70 -1.69
C ILE A 35 2.59 9.57 -0.84
N TYR A 36 3.75 9.75 -1.48
CA TYR A 36 5.08 9.66 -0.87
C TYR A 36 5.67 11.06 -0.62
N GLU A 37 6.49 11.19 0.44
CA GLU A 37 7.14 12.45 0.82
C GLU A 37 8.66 12.37 0.56
N LEU A 38 9.19 13.37 -0.16
CA LEU A 38 10.61 13.46 -0.50
C LEU A 38 11.47 13.92 0.69
N SER A 39 12.55 13.17 0.96
CA SER A 39 13.53 13.43 2.02
C SER A 39 14.93 12.96 1.56
N GLY A 40 15.94 13.16 2.41
CA GLY A 40 17.32 12.79 2.12
C GLY A 40 17.95 13.69 1.09
N ILE A 41 18.98 13.19 0.37
CA ILE A 41 19.66 13.96 -0.67
C ILE A 41 18.78 13.94 -1.92
N GLY A 42 18.29 15.11 -2.31
CA GLY A 42 17.42 15.29 -3.46
C GLY A 42 18.11 15.83 -4.69
N ILE A 43 17.85 15.19 -5.85
CA ILE A 43 18.35 15.61 -7.16
C ILE A 43 17.11 15.69 -8.06
N GLY A 44 16.78 16.90 -8.47
CA GLY A 44 15.60 17.18 -9.28
C GLY A 44 15.83 17.55 -10.72
N TYR A 45 14.90 17.14 -11.58
CA TYR A 45 14.86 17.42 -13.02
C TYR A 45 13.41 17.55 -13.50
N ASP A 46 13.21 17.75 -14.83
CA ASP A 46 11.91 17.95 -15.48
C ASP A 46 11.20 19.20 -14.92
N ASN A 47 11.97 20.28 -14.68
CA ASN A 47 11.51 21.56 -14.12
C ASN A 47 10.77 21.38 -12.79
N ASP A 48 11.50 20.88 -11.76
CA ASP A 48 11.01 20.64 -10.39
C ASP A 48 9.89 19.56 -10.30
N THR A 49 9.56 18.87 -11.41
CA THR A 49 8.47 17.85 -11.44
C THR A 49 8.92 16.39 -11.29
N SER A 50 10.24 16.13 -11.38
CA SER A 50 10.80 14.78 -11.22
C SER A 50 11.93 14.84 -10.21
N TRP A 51 11.74 14.19 -9.05
CA TRP A 51 12.71 14.19 -7.96
C TRP A 51 13.22 12.82 -7.58
N ASN A 52 14.55 12.74 -7.37
CA ASN A 52 15.27 11.55 -6.98
C ASN A 52 15.82 11.73 -5.57
N GLY A 53 15.48 10.80 -4.69
CA GLY A 53 15.92 10.80 -3.29
C GLY A 53 15.21 9.74 -2.47
N HIS A 54 14.93 10.05 -1.19
CA HIS A 54 14.23 9.12 -0.29
C HIS A 54 12.74 9.45 -0.25
N TRP A 55 11.91 8.46 -0.62
CA TRP A 55 10.46 8.60 -0.67
C TRP A 55 9.80 7.75 0.41
N THR A 56 9.09 8.39 1.36
CA THR A 56 8.39 7.74 2.47
C THR A 56 6.88 7.94 2.31
N PRO A 57 6.06 6.86 2.37
CA PRO A 57 4.60 7.04 2.22
C PRO A 57 3.96 7.74 3.43
N VAL A 58 3.09 8.71 3.16
CA VAL A 58 2.41 9.50 4.19
C VAL A 58 0.89 9.32 4.24
N ARG A 59 0.22 9.22 3.07
CA ARG A 59 -1.23 9.04 2.95
C ARG A 59 -1.63 8.35 1.63
N ALA A 60 -2.94 8.15 1.41
CA ALA A 60 -3.49 7.55 0.20
C ALA A 60 -3.95 8.62 -0.80
N ALA A 61 -4.02 8.28 -2.09
CA ALA A 61 -4.44 9.18 -3.17
C ALA A 61 -5.93 9.54 -3.07
N ASP A 62 -6.23 10.86 -3.04
CA ASP A 62 -7.58 11.40 -2.95
C ASP A 62 -8.34 11.26 -4.26
N ALA B 1 -4.71 -4.81 -14.40
CA ALA B 1 -5.77 -4.06 -13.72
C ALA B 1 -7.00 -4.94 -13.50
N THR B 2 -7.41 -5.07 -12.23
CA THR B 2 -8.56 -5.88 -11.82
C THR B 2 -9.63 -4.98 -11.18
N THR B 3 -10.91 -5.24 -11.50
CA THR B 3 -12.06 -4.50 -10.96
C THR B 3 -12.32 -4.91 -9.50
N ASP B 4 -12.92 -4.00 -8.70
CA ASP B 4 -13.27 -4.27 -7.30
C ASP B 4 -14.37 -5.33 -7.22
N ALA B 5 -15.33 -5.30 -8.17
CA ALA B 5 -16.42 -6.27 -8.28
C ALA B 5 -15.88 -7.63 -8.75
N GLU B 6 -14.82 -7.62 -9.58
CA GLU B 6 -14.13 -8.82 -10.08
C GLU B 6 -13.43 -9.54 -8.93
N CYS B 7 -12.83 -8.77 -7.99
CA CYS B 7 -12.17 -9.30 -6.79
C CYS B 7 -13.23 -9.90 -5.86
N LEU B 8 -14.39 -9.22 -5.70
CA LEU B 8 -15.51 -9.67 -4.87
C LEU B 8 -16.18 -10.94 -5.42
N SER B 9 -16.02 -11.21 -6.73
CA SER B 9 -16.56 -12.40 -7.40
C SER B 9 -15.74 -13.65 -7.05
N LYS B 10 -14.45 -13.47 -6.70
CA LYS B 10 -13.51 -14.53 -6.33
C LYS B 10 -13.91 -15.21 -5.01
N PRO B 11 -13.68 -16.53 -4.83
CA PRO B 11 -14.10 -17.19 -3.58
C PRO B 11 -13.20 -16.93 -2.38
N ALA B 12 -13.78 -17.09 -1.17
CA ALA B 12 -13.07 -16.94 0.09
C ALA B 12 -12.41 -18.28 0.41
N PHE B 13 -11.15 -18.25 0.84
CA PHE B 13 -10.38 -19.46 1.14
C PHE B 13 -9.90 -19.52 2.59
N ASP B 14 -9.46 -20.72 3.02
CA ASP B 14 -8.90 -20.97 4.34
C ASP B 14 -7.43 -21.32 4.15
N GLY B 15 -6.54 -20.38 4.47
CA GLY B 15 -5.11 -20.55 4.32
C GLY B 15 -4.27 -19.41 4.86
N THR B 16 -2.99 -19.38 4.46
CA THR B 16 -2.02 -18.38 4.88
C THR B 16 -1.65 -17.39 3.77
N LEU B 17 -1.51 -16.11 4.15
CA LEU B 17 -1.08 -15.02 3.28
C LEU B 17 0.00 -14.22 4.00
N SER B 18 1.04 -13.79 3.28
CA SER B 18 2.15 -13.01 3.82
C SER B 18 1.99 -11.52 3.50
N ASN B 19 2.86 -10.67 4.10
CA ASN B 19 2.87 -9.20 3.95
C ASN B 19 1.53 -8.59 4.38
N VAL B 20 1.05 -9.04 5.56
CA VAL B 20 -0.21 -8.63 6.17
C VAL B 20 -0.04 -7.28 6.87
N TRP B 21 -0.96 -6.34 6.61
CA TRP B 21 -0.96 -5.03 7.24
C TRP B 21 -2.21 -4.81 8.09
N LYS B 22 -2.05 -4.03 9.18
CA LYS B 22 -3.13 -3.68 10.11
C LYS B 22 -3.86 -2.42 9.64
N GLU B 23 -5.14 -2.31 10.02
CA GLU B 23 -6.00 -1.18 9.68
C GLU B 23 -7.09 -1.08 10.76
N GLY B 24 -6.69 -0.60 11.93
CA GLY B 24 -7.57 -0.44 13.09
C GLY B 24 -8.10 -1.76 13.60
N ASP B 25 -7.18 -2.58 14.18
CA ASP B 25 -7.46 -3.91 14.74
C ASP B 25 -8.00 -4.96 13.74
N SER B 26 -7.88 -4.67 12.43
CA SER B 26 -8.30 -5.56 11.34
C SER B 26 -7.10 -5.84 10.44
N ARG B 27 -6.98 -7.08 9.96
CA ARG B 27 -5.86 -7.50 9.12
C ARG B 27 -6.21 -7.69 7.65
N TYR B 28 -5.34 -7.19 6.76
CA TYR B 28 -5.50 -7.24 5.31
C TYR B 28 -4.22 -7.69 4.62
N ALA B 29 -4.37 -8.41 3.49
CA ALA B 29 -3.25 -8.91 2.69
C ALA B 29 -3.56 -8.86 1.19
N ASN B 30 -2.51 -8.70 0.37
CA ASN B 30 -2.62 -8.64 -1.09
C ASN B 30 -2.29 -9.98 -1.72
N PHE B 31 -3.20 -10.49 -2.58
CA PHE B 31 -3.04 -11.75 -3.28
C PHE B 31 -3.69 -11.68 -4.66
N GLU B 32 -2.88 -11.84 -5.73
CA GLU B 32 -3.29 -11.79 -7.14
C GLU B 32 -4.06 -10.51 -7.47
N ASN B 33 -3.51 -9.36 -7.03
CA ASN B 33 -4.05 -8.00 -7.20
C ASN B 33 -5.42 -7.76 -6.52
N CYS B 34 -5.76 -8.59 -5.52
CA CYS B 34 -7.00 -8.48 -4.74
C CYS B 34 -6.67 -8.39 -3.26
N ILE B 35 -7.32 -7.47 -2.54
CA ILE B 35 -7.12 -7.30 -1.10
C ILE B 35 -8.14 -8.14 -0.34
N TYR B 36 -7.62 -9.07 0.49
CA TYR B 36 -8.42 -9.99 1.31
C TYR B 36 -8.45 -9.55 2.78
N GLU B 37 -9.56 -9.85 3.48
CA GLU B 37 -9.77 -9.52 4.88
C GLU B 37 -9.72 -10.78 5.75
N LEU B 38 -8.89 -10.75 6.82
CA LEU B 38 -8.72 -11.87 7.75
C LEU B 38 -9.90 -11.97 8.73
N SER B 39 -10.46 -13.19 8.85
CA SER B 39 -11.57 -13.53 9.76
C SER B 39 -11.40 -14.99 10.23
N GLY B 40 -12.32 -15.44 11.10
CA GLY B 40 -12.30 -16.80 11.65
C GLY B 40 -11.20 -16.99 12.67
N ILE B 41 -10.75 -18.24 12.86
CA ILE B 41 -9.67 -18.55 13.80
C ILE B 41 -8.35 -18.18 13.13
N GLY B 42 -7.66 -17.19 13.73
CA GLY B 42 -6.40 -16.70 13.22
C GLY B 42 -5.19 -17.18 13.98
N ILE B 43 -4.16 -17.64 13.23
CA ILE B 43 -2.86 -18.07 13.77
C ILE B 43 -1.81 -17.28 12.98
N GLY B 44 -1.12 -16.39 13.69
CA GLY B 44 -0.12 -15.51 13.09
C GLY B 44 1.32 -15.81 13.41
N TYR B 45 2.20 -15.53 12.44
CA TYR B 45 3.65 -15.67 12.53
C TYR B 45 4.35 -14.59 11.69
N ASP B 46 5.70 -14.64 11.60
CA ASP B 46 6.55 -13.67 10.90
C ASP B 46 6.35 -12.24 11.46
N ASN B 47 6.25 -12.14 12.80
CA ASN B 47 6.04 -10.89 13.56
C ASN B 47 4.80 -10.12 13.06
N ASP B 48 3.61 -10.74 13.20
CA ASP B 48 2.29 -10.19 12.82
C ASP B 48 2.12 -9.94 11.29
N THR B 49 3.11 -10.36 10.45
CA THR B 49 3.07 -10.14 9.00
C THR B 49 2.57 -11.32 8.15
N SER B 50 2.43 -12.51 8.75
CA SER B 50 1.92 -13.71 8.08
C SER B 50 0.80 -14.30 8.91
N TRP B 51 -0.43 -14.28 8.36
CA TRP B 51 -1.62 -14.77 9.06
C TRP B 51 -2.34 -15.90 8.36
N ASN B 52 -2.73 -16.91 9.14
CA ASN B 52 -3.46 -18.09 8.70
C ASN B 52 -4.86 -18.08 9.29
N GLY B 53 -5.86 -18.16 8.42
CA GLY B 53 -7.28 -18.17 8.81
C GLY B 53 -8.19 -18.09 7.61
N HIS B 54 -9.33 -17.38 7.77
CA HIS B 54 -10.30 -17.20 6.69
C HIS B 54 -10.07 -15.85 6.01
N TRP B 55 -9.79 -15.89 4.69
CA TRP B 55 -9.54 -14.70 3.88
C TRP B 55 -10.67 -14.45 2.89
N THR B 56 -11.36 -13.30 3.02
CA THR B 56 -12.48 -12.92 2.16
C THR B 56 -12.10 -11.68 1.35
N PRO B 57 -12.26 -11.67 0.00
CA PRO B 57 -11.89 -10.48 -0.79
C PRO B 57 -12.82 -9.30 -0.57
N VAL B 58 -12.24 -8.11 -0.37
CA VAL B 58 -13.00 -6.88 -0.11
C VAL B 58 -12.89 -5.81 -1.21
N ARG B 59 -11.69 -5.63 -1.79
CA ARG B 59 -11.42 -4.66 -2.85
C ARG B 59 -10.23 -5.08 -3.74
N ALA B 60 -9.88 -4.24 -4.74
CA ALA B 60 -8.77 -4.46 -5.66
C ALA B 60 -7.52 -3.71 -5.20
N ALA B 61 -6.32 -4.15 -5.62
CA ALA B 61 -5.04 -3.54 -5.28
C ALA B 61 -4.86 -2.18 -5.93
#